data_5OJY
#
_entry.id   5OJY
#
_cell.length_a   107.850
_cell.length_b   107.850
_cell.length_c   119.300
_cell.angle_alpha   90.000
_cell.angle_beta   90.000
_cell.angle_gamma   120.000
#
_symmetry.space_group_name_H-M   'P 62 2 2'
#
loop_
_entity.id
_entity.type
_entity.pdbx_description
1 polymer 'TetR family transcription regulator'
2 non-polymer GLYCEROL
3 non-polymer 'CITRIC ACID'
4 non-polymer 'Pamamycin 607'
5 water water
#
_entity_poly.entity_id   1
_entity_poly.type   'polypeptide(L)'
_entity_poly.pdbx_seq_one_letter_code
;MVNETSGRENTPKGQPGSIWLREVKQRPARQPLSREQIVQAAVRLLDEGGVRNLRMRQLADSLNSAPMSLYWHVSTKDDL
LELAIDAVFPDPPSRSGTGDWRDDIKAGATDLFEVLLRHSWMIELMGGHPPVGPRALAHTSAIIEILEQAHFSPRQLDSA
LSAIYYYTVGAALSEASWQAMARQSAESEEEWVSRLGPYLGMATQSHPASLADYVKRSASSSTGQRFHDGLE(CSS)MVS
GMGQMRSQDSLEHHHHHH
;
_entity_poly.pdbx_strand_id   A
#
# COMPACT_ATOMS: atom_id res chain seq x y z
N GLN A 15 -12.02 12.97 -32.68
CA GLN A 15 -12.27 14.20 -33.41
C GLN A 15 -13.77 14.49 -33.49
N PRO A 16 -14.12 15.78 -33.52
CA PRO A 16 -15.55 16.15 -33.54
C PRO A 16 -16.24 15.66 -34.80
N GLY A 17 -17.48 15.21 -34.63
CA GLY A 17 -18.28 14.74 -35.71
C GLY A 17 -18.19 13.25 -35.99
N SER A 18 -17.35 12.52 -35.27
N SER A 18 -17.33 12.53 -35.27
CA SER A 18 -17.24 11.08 -35.53
CA SER A 18 -17.22 11.10 -35.49
C SER A 18 -18.56 10.36 -35.26
C SER A 18 -18.56 10.39 -35.28
N ILE A 19 -19.41 10.91 -34.40
CA ILE A 19 -20.67 10.23 -34.12
C ILE A 19 -21.56 10.26 -35.36
N TRP A 20 -21.44 11.32 -36.17
CA TRP A 20 -22.24 11.42 -37.39
C TRP A 20 -21.68 10.49 -38.46
N LEU A 21 -20.36 10.33 -38.51
CA LEU A 21 -19.78 9.39 -39.45
C LEU A 21 -20.18 7.96 -39.13
N ARG A 22 -20.38 7.66 -37.85
CA ARG A 22 -20.90 6.36 -37.44
C ARG A 22 -22.26 6.07 -38.07
N GLU A 23 -23.03 7.10 -38.44
CA GLU A 23 -24.34 6.87 -39.08
C GLU A 23 -24.16 6.08 -40.37
N VAL A 24 -23.11 6.38 -41.13
CA VAL A 24 -22.80 5.69 -42.37
C VAL A 24 -21.76 4.60 -42.06
N LYS A 25 -22.10 3.71 -41.13
CA LYS A 25 -21.16 2.72 -40.62
C LYS A 25 -20.04 3.37 -39.83
N ALA A 29 -16.56 -0.86 -34.49
CA ALA A 29 -15.13 -1.23 -34.43
C ALA A 29 -14.72 -1.68 -33.01
N ARG A 30 -14.97 -2.95 -32.71
CA ARG A 30 -14.63 -3.48 -31.40
C ARG A 30 -13.13 -3.69 -31.31
N GLN A 31 -12.59 -3.50 -30.10
CA GLN A 31 -11.19 -3.83 -29.79
C GLN A 31 -11.24 -4.75 -28.57
N PRO A 32 -11.24 -6.05 -28.77
CA PRO A 32 -11.22 -6.96 -27.62
C PRO A 32 -9.91 -6.83 -26.87
N LEU A 33 -10.03 -6.85 -25.55
CA LEU A 33 -8.90 -6.83 -24.65
C LEU A 33 -9.10 -7.96 -23.67
N SER A 34 -8.02 -8.34 -22.99
CA SER A 34 -8.16 -9.23 -21.85
C SER A 34 -8.30 -8.42 -20.57
N ARG A 35 -8.98 -8.99 -19.58
CA ARG A 35 -9.10 -8.34 -18.30
C ARG A 35 -7.72 -8.12 -17.67
N GLU A 36 -6.87 -9.15 -17.75
CA GLU A 36 -5.53 -9.03 -17.19
C GLU A 36 -4.76 -7.85 -17.78
N GLN A 37 -4.82 -7.70 -19.09
CA GLN A 37 -4.15 -6.60 -19.75
C GLN A 37 -4.67 -5.25 -19.25
N ILE A 38 -5.99 -5.16 -19.05
CA ILE A 38 -6.58 -3.91 -18.58
C ILE A 38 -6.08 -3.61 -17.17
N VAL A 39 -6.04 -4.62 -16.30
CA VAL A 39 -5.67 -4.40 -14.91
C VAL A 39 -4.21 -3.96 -14.80
N GLN A 40 -3.32 -4.56 -15.60
CA GLN A 40 -1.92 -4.14 -15.65
C GLN A 40 -1.79 -2.70 -16.08
N ALA A 41 -2.54 -2.31 -17.10
CA ALA A 41 -2.54 -0.92 -17.53
C ALA A 41 -3.11 0.02 -16.45
N ALA A 42 -4.15 -0.42 -15.72
CA ALA A 42 -4.67 0.41 -14.63
C ALA A 42 -3.66 0.59 -13.51
N VAL A 43 -2.93 -0.47 -13.15
CA VAL A 43 -1.89 -0.34 -12.14
C VAL A 43 -0.85 0.69 -12.56
N ARG A 44 -0.43 0.66 -13.84
CA ARG A 44 0.54 1.66 -14.31
C ARG A 44 0.01 3.08 -14.18
N LEU A 45 -1.26 3.31 -14.51
CA LEU A 45 -1.81 4.66 -14.37
C LEU A 45 -1.95 5.04 -12.90
N LEU A 46 -2.40 4.11 -12.07
CA LEU A 46 -2.45 4.35 -10.63
C LEU A 46 -1.08 4.67 -10.06
N ASP A 47 -0.05 3.92 -10.45
CA ASP A 47 1.28 4.19 -9.95
C ASP A 47 1.75 5.57 -10.40
N GLU A 48 1.35 5.99 -11.59
CA GLU A 48 1.80 7.27 -12.13
C GLU A 48 1.15 8.45 -11.41
N GLY A 49 -0.16 8.36 -11.13
CA GLY A 49 -0.87 9.52 -10.61
C GLY A 49 -1.99 9.30 -9.61
N GLY A 50 -2.10 8.10 -9.02
CA GLY A 50 -3.09 7.87 -7.98
C GLY A 50 -4.47 7.64 -8.53
N VAL A 51 -5.42 7.50 -7.61
CA VAL A 51 -6.80 7.15 -7.97
C VAL A 51 -7.42 8.23 -8.85
N ARG A 52 -7.03 9.50 -8.69
CA ARG A 52 -7.48 10.56 -9.60
C ARG A 52 -6.91 10.42 -11.02
N ASN A 53 -5.69 9.89 -11.18
CA ASN A 53 -5.15 9.69 -12.51
C ASN A 53 -5.74 8.49 -13.23
N LEU A 54 -6.76 7.84 -12.67
CA LEU A 54 -7.38 6.71 -13.33
C LEU A 54 -8.72 7.21 -13.86
N ARG A 55 -8.71 7.61 -15.12
CA ARG A 55 -9.94 7.89 -15.87
C ARG A 55 -10.11 6.83 -16.94
N MET A 56 -11.33 6.33 -17.08
CA MET A 56 -11.58 5.21 -17.97
C MET A 56 -11.22 5.57 -19.41
N ARG A 57 -11.53 6.80 -19.85
CA ARG A 57 -11.22 7.10 -21.24
C ARG A 57 -9.71 7.11 -21.48
N GLN A 58 -8.95 7.70 -20.55
CA GLN A 58 -7.50 7.70 -20.64
C GLN A 58 -6.93 6.28 -20.53
N LEU A 59 -7.49 5.45 -19.66
CA LEU A 59 -7.07 4.05 -19.60
C LEU A 59 -7.28 3.37 -20.95
N ALA A 60 -8.49 3.49 -21.50
CA ALA A 60 -8.75 2.91 -22.83
C ALA A 60 -7.80 3.48 -23.86
N ASP A 61 -7.54 4.79 -23.82
CA ASP A 61 -6.58 5.35 -24.77
C ASP A 61 -5.22 4.67 -24.62
N SER A 62 -4.77 4.43 -23.38
CA SER A 62 -3.45 3.81 -23.19
C SER A 62 -3.40 2.41 -23.78
N LEU A 63 -4.53 1.76 -23.96
CA LEU A 63 -4.65 0.46 -24.62
C LEU A 63 -5.08 0.57 -26.09
N ASN A 64 -4.94 1.74 -26.71
CA ASN A 64 -5.39 1.95 -28.10
C ASN A 64 -6.83 1.50 -28.32
N SER A 65 -7.71 1.77 -27.35
CA SER A 65 -9.08 1.30 -27.45
C SER A 65 -10.02 2.41 -27.03
N ALA A 66 -11.28 2.12 -27.17
CA ALA A 66 -12.36 2.97 -26.71
C ALA A 66 -12.89 2.44 -25.41
N PRO A 67 -13.60 3.26 -24.66
CA PRO A 67 -14.09 2.81 -23.35
C PRO A 67 -14.91 1.55 -23.37
N MET A 68 -15.69 1.29 -24.43
CA MET A 68 -16.52 0.08 -24.42
C MET A 68 -15.66 -1.16 -24.17
N SER A 69 -14.44 -1.18 -24.70
CA SER A 69 -13.56 -2.35 -24.50
C SER A 69 -13.39 -2.68 -23.03
N LEU A 70 -13.37 -1.65 -22.18
CA LEU A 70 -13.21 -1.86 -20.75
C LEU A 70 -14.44 -2.49 -20.13
N TYR A 71 -15.62 -2.04 -20.54
CA TYR A 71 -16.82 -2.41 -19.82
C TYR A 71 -17.36 -3.78 -20.20
N TRP A 72 -16.69 -4.49 -21.12
CA TRP A 72 -16.94 -5.91 -21.25
C TRP A 72 -16.50 -6.68 -20.02
N HIS A 73 -15.56 -6.11 -19.25
CA HIS A 73 -14.89 -6.84 -18.18
C HIS A 73 -15.20 -6.33 -16.78
N VAL A 74 -15.48 -5.03 -16.63
CA VAL A 74 -15.86 -4.43 -15.36
C VAL A 74 -17.13 -3.63 -15.56
N SER A 75 -17.92 -3.47 -14.49
CA SER A 75 -19.10 -2.61 -14.57
C SER A 75 -18.74 -1.16 -14.33
N THR A 76 -17.79 -0.91 -13.44
CA THR A 76 -17.42 0.44 -13.05
C THR A 76 -15.92 0.54 -12.77
N LYS A 77 -15.44 1.78 -12.68
CA LYS A 77 -14.06 2.04 -12.26
C LYS A 77 -13.76 1.44 -10.89
N ASP A 78 -14.75 1.45 -9.98
CA ASP A 78 -14.56 0.85 -8.65
C ASP A 78 -14.19 -0.62 -8.74
N ASP A 79 -14.82 -1.36 -9.65
CA ASP A 79 -14.43 -2.75 -9.86
C ASP A 79 -12.96 -2.84 -10.22
N LEU A 80 -12.52 -1.97 -11.11
CA LEU A 80 -11.14 -1.99 -11.56
C LEU A 80 -10.17 -1.67 -10.44
N LEU A 81 -10.54 -0.75 -9.55
CA LEU A 81 -9.68 -0.48 -8.38
C LEU A 81 -9.48 -1.74 -7.55
N GLU A 82 -10.56 -2.51 -7.33
CA GLU A 82 -10.46 -3.71 -6.52
C GLU A 82 -9.59 -4.78 -7.18
N LEU A 83 -9.71 -4.93 -8.50
CA LEU A 83 -8.82 -5.86 -9.22
C LEU A 83 -7.36 -5.42 -9.13
N ALA A 84 -7.13 -4.11 -9.22
CA ALA A 84 -5.78 -3.56 -9.12
C ALA A 84 -5.17 -3.80 -7.75
N ILE A 85 -5.97 -3.59 -6.69
CA ILE A 85 -5.51 -3.88 -5.33
C ILE A 85 -5.03 -5.32 -5.23
N ASP A 86 -5.82 -6.27 -5.74
CA ASP A 86 -5.41 -7.66 -5.60
C ASP A 86 -4.21 -7.97 -6.44
N ALA A 87 -4.11 -7.35 -7.63
CA ALA A 87 -3.07 -7.73 -8.57
C ALA A 87 -1.68 -7.50 -8.02
N VAL A 88 -1.51 -6.48 -7.16
CA VAL A 88 -0.21 -6.11 -6.61
C VAL A 88 0.06 -6.73 -5.24
N PHE A 89 -0.89 -7.43 -4.66
CA PHE A 89 -0.64 -8.07 -3.37
C PHE A 89 0.56 -9.00 -3.46
N PRO A 90 1.39 -9.05 -2.43
CA PRO A 90 2.57 -9.92 -2.47
C PRO A 90 2.20 -11.38 -2.41
N ASP A 91 3.09 -12.22 -2.95
CA ASP A 91 3.02 -13.65 -2.72
C ASP A 91 3.09 -13.93 -1.21
N PRO A 92 2.56 -15.06 -0.77
CA PRO A 92 2.76 -15.50 0.62
C PRO A 92 4.24 -15.56 0.95
N PRO A 93 4.61 -15.28 2.20
CA PRO A 93 6.05 -15.22 2.54
C PRO A 93 6.70 -16.60 2.43
N SER A 94 7.94 -16.63 2.00
CA SER A 94 8.67 -17.91 2.01
C SER A 94 8.93 -18.31 3.47
N ARG A 95 8.40 -19.47 3.88
CA ARG A 95 8.70 -20.01 5.20
C ARG A 95 10.21 -20.09 5.40
N SER A 96 10.69 -19.45 6.48
CA SER A 96 12.10 -19.11 6.66
C SER A 96 12.94 -20.28 7.18
N GLY A 97 12.32 -21.34 7.67
CA GLY A 97 13.06 -22.50 8.14
C GLY A 97 13.82 -22.27 9.43
N THR A 98 13.99 -21.01 9.84
CA THR A 98 14.66 -20.70 11.10
C THR A 98 13.94 -21.33 12.29
N GLY A 99 12.76 -21.89 12.10
CA GLY A 99 12.00 -22.46 13.19
C GLY A 99 11.33 -21.44 14.08
N ASP A 100 11.50 -20.14 13.81
CA ASP A 100 10.81 -19.09 14.56
C ASP A 100 9.71 -18.51 13.67
N TRP A 101 8.47 -18.76 14.04
CA TRP A 101 7.33 -18.21 13.32
C TRP A 101 7.35 -16.70 13.28
N ARG A 102 8.03 -16.06 14.24
CA ARG A 102 8.16 -14.61 14.22
C ARG A 102 8.90 -14.13 12.98
N ASP A 103 9.89 -14.89 12.52
CA ASP A 103 10.62 -14.49 11.33
C ASP A 103 9.73 -14.54 10.10
N ASP A 104 8.84 -15.52 10.06
CA ASP A 104 7.94 -15.67 8.92
C ASP A 104 6.87 -14.58 8.94
N ILE A 105 6.33 -14.27 10.12
CA ILE A 105 5.38 -13.16 10.22
C ILE A 105 6.02 -11.88 9.75
N LYS A 106 7.26 -11.63 10.16
CA LYS A 106 7.90 -10.38 9.79
C LYS A 106 8.18 -10.30 8.31
N ALA A 107 8.53 -11.43 7.67
CA ALA A 107 8.71 -11.40 6.22
C ALA A 107 7.39 -11.07 5.55
N GLY A 108 6.29 -11.65 6.03
CA GLY A 108 5.01 -11.43 5.38
C GLY A 108 4.54 -9.99 5.53
N ALA A 109 4.73 -9.44 6.71
CA ALA A 109 4.35 -8.04 6.94
C ALA A 109 5.23 -7.11 6.16
N THR A 110 6.53 -7.39 6.15
CA THR A 110 7.45 -6.53 5.43
C THR A 110 7.18 -6.54 3.92
N ASP A 111 6.89 -7.72 3.36
CA ASP A 111 6.54 -7.80 1.94
C ASP A 111 5.33 -6.91 1.63
N LEU A 112 4.33 -6.96 2.51
CA LEU A 112 3.13 -6.13 2.30
C LEU A 112 3.48 -4.66 2.46
N PHE A 113 4.28 -4.31 3.47
CA PHE A 113 4.73 -2.93 3.62
C PHE A 113 5.38 -2.41 2.34
N GLU A 114 6.27 -3.20 1.75
CA GLU A 114 6.99 -2.68 0.61
C GLU A 114 6.09 -2.53 -0.61
N VAL A 115 5.12 -3.43 -0.75
CA VAL A 115 4.11 -3.29 -1.79
C VAL A 115 3.30 -2.02 -1.61
N LEU A 116 2.83 -1.78 -0.38
CA LEU A 116 2.06 -0.57 -0.08
C LEU A 116 2.84 0.70 -0.37
N LEU A 117 4.16 0.72 -0.07
CA LEU A 117 4.95 1.91 -0.40
C LEU A 117 5.08 2.10 -1.90
N ARG A 118 5.19 1.00 -2.63
CA ARG A 118 5.35 1.03 -4.06
C ARG A 118 4.06 1.37 -4.79
N HIS A 119 2.92 1.10 -4.18
CA HIS A 119 1.61 1.28 -4.78
C HIS A 119 0.71 1.99 -3.76
N SER A 120 1.11 3.23 -3.39
CA SER A 120 0.52 3.84 -2.20
C SER A 120 -0.94 4.22 -2.37
N TRP A 121 -1.42 4.30 -3.62
CA TRP A 121 -2.86 4.48 -3.86
C TRP A 121 -3.71 3.37 -3.24
N MET A 122 -3.14 2.21 -2.97
CA MET A 122 -3.98 1.16 -2.42
C MET A 122 -4.26 1.37 -0.94
N ILE A 123 -3.43 2.14 -0.24
CA ILE A 123 -3.49 2.14 1.22
C ILE A 123 -4.85 2.61 1.70
N GLU A 124 -5.31 3.74 1.19
CA GLU A 124 -6.61 4.25 1.64
C GLU A 124 -7.79 3.45 1.10
N LEU A 125 -7.60 2.68 0.02
CA LEU A 125 -8.72 1.95 -0.56
C LEU A 125 -9.12 0.70 0.22
N MET A 126 -8.19 0.09 0.94
CA MET A 126 -8.46 -1.24 1.49
C MET A 126 -9.57 -1.21 2.52
N GLY A 127 -9.66 -0.15 3.34
CA GLY A 127 -10.65 -0.15 4.40
C GLY A 127 -12.08 -0.13 3.89
N GLY A 128 -12.32 0.55 2.77
CA GLY A 128 -13.62 0.61 2.17
C GLY A 128 -13.85 -0.42 1.08
N HIS A 129 -12.83 -1.19 0.73
CA HIS A 129 -12.89 -2.20 -0.34
C HIS A 129 -12.16 -3.43 0.17
N PRO A 130 -12.77 -4.18 1.07
CA PRO A 130 -12.06 -5.28 1.78
C PRO A 130 -11.32 -6.19 0.80
N PRO A 131 -10.00 -6.39 0.96
CA PRO A 131 -9.26 -7.16 -0.05
C PRO A 131 -9.51 -8.66 0.10
N VAL A 132 -10.35 -9.25 -0.76
CA VAL A 132 -10.67 -10.68 -0.69
C VAL A 132 -10.47 -11.35 -2.06
N GLY A 133 -9.70 -10.72 -2.94
CA GLY A 133 -9.31 -11.37 -4.18
C GLY A 133 -8.35 -12.53 -3.93
N PRO A 134 -8.02 -13.29 -4.98
CA PRO A 134 -7.23 -14.49 -4.75
C PRO A 134 -5.85 -14.25 -4.16
N ARG A 135 -5.12 -13.24 -4.62
CA ARG A 135 -3.78 -13.02 -4.08
C ARG A 135 -3.85 -12.60 -2.62
N ALA A 136 -4.81 -11.75 -2.27
CA ALA A 136 -4.97 -11.36 -0.85
C ALA A 136 -5.39 -12.54 0.01
N LEU A 137 -6.27 -13.40 -0.50
CA LEU A 137 -6.66 -14.57 0.29
C LEU A 137 -5.48 -15.50 0.55
N ALA A 138 -4.63 -15.71 -0.46
CA ALA A 138 -3.48 -16.60 -0.25
C ALA A 138 -2.49 -16.02 0.74
N HIS A 139 -2.19 -14.73 0.63
CA HIS A 139 -1.27 -14.09 1.56
C HIS A 139 -1.82 -14.18 2.97
N THR A 140 -3.09 -13.84 3.14
CA THR A 140 -3.70 -13.87 4.48
C THR A 140 -3.78 -15.28 5.02
N SER A 141 -4.12 -16.24 4.16
CA SER A 141 -4.10 -17.64 4.61
C SER A 141 -2.73 -18.03 5.15
N ALA A 142 -1.65 -17.59 4.48
CA ALA A 142 -0.31 -17.94 4.94
C ALA A 142 0.01 -17.32 6.32
N ILE A 143 -0.37 -16.06 6.54
CA ILE A 143 -0.19 -15.44 7.85
C ILE A 143 -0.98 -16.20 8.92
N ILE A 144 -2.24 -16.51 8.62
CA ILE A 144 -3.07 -17.25 9.57
C ILE A 144 -2.42 -18.58 9.92
N GLU A 145 -1.94 -19.31 8.90
CA GLU A 145 -1.33 -20.61 9.17
C GLU A 145 -0.06 -20.48 9.97
N ILE A 146 0.72 -19.42 9.73
CA ILE A 146 1.92 -19.23 10.54
C ILE A 146 1.53 -19.12 12.01
N LEU A 147 0.45 -18.39 12.29
CA LEU A 147 0.05 -18.14 13.67
C LEU A 147 -0.57 -19.38 14.30
N GLU A 148 -1.40 -20.12 13.54
CA GLU A 148 -2.00 -21.34 14.08
C GLU A 148 -0.92 -22.34 14.45
N GLN A 149 0.00 -22.60 13.53
CA GLN A 149 1.10 -23.50 13.80
C GLN A 149 2.00 -23.01 14.94
N ALA A 150 1.80 -21.80 15.42
CA ALA A 150 2.46 -21.33 16.63
C ALA A 150 1.54 -21.41 17.84
N HIS A 151 0.40 -22.10 17.71
CA HIS A 151 -0.48 -22.45 18.82
C HIS A 151 -1.23 -21.25 19.39
N PHE A 152 -1.50 -20.26 18.56
CA PHE A 152 -2.45 -19.22 18.92
C PHE A 152 -3.86 -19.76 18.87
N SER A 153 -4.64 -19.49 19.92
CA SER A 153 -6.06 -19.74 19.91
C SER A 153 -6.76 -18.76 18.97
N PRO A 154 -8.03 -19.00 18.64
CA PRO A 154 -8.71 -18.13 17.65
C PRO A 154 -8.79 -16.67 18.05
N ARG A 155 -9.13 -16.37 19.31
CA ARG A 155 -9.23 -14.97 19.70
C ARG A 155 -7.86 -14.32 19.73
N GLN A 156 -6.84 -15.02 20.21
CA GLN A 156 -5.49 -14.47 20.22
C GLN A 156 -4.95 -14.31 18.81
N LEU A 157 -5.25 -15.28 17.95
CA LEU A 157 -4.83 -15.20 16.56
C LEU A 157 -5.44 -13.96 15.90
N ASP A 158 -6.74 -13.74 16.07
CA ASP A 158 -7.40 -12.61 15.45
C ASP A 158 -6.80 -11.29 15.96
N SER A 159 -6.51 -11.22 17.25
CA SER A 159 -5.93 -10.00 17.82
C SER A 159 -4.55 -9.75 17.27
N ALA A 160 -3.73 -10.79 17.20
CA ALA A 160 -2.37 -10.61 16.72
C ALA A 160 -2.41 -10.23 15.25
N LEU A 161 -3.31 -10.84 14.50
CA LEU A 161 -3.41 -10.53 13.08
C LEU A 161 -3.79 -9.06 12.90
N SER A 162 -4.77 -8.57 13.66
N SER A 162 -4.80 -8.59 13.64
CA SER A 162 -5.13 -7.16 13.54
CA SER A 162 -5.14 -7.17 13.60
C SER A 162 -3.95 -6.26 13.89
C SER A 162 -3.91 -6.31 13.85
N ALA A 163 -3.21 -6.59 14.96
CA ALA A 163 -2.04 -5.79 15.31
C ALA A 163 -1.03 -5.74 14.17
N ILE A 164 -0.74 -6.90 13.57
CA ILE A 164 0.25 -6.95 12.50
C ILE A 164 -0.20 -6.15 11.29
N TYR A 165 -1.45 -6.35 10.87
CA TYR A 165 -1.91 -5.71 9.64
C TYR A 165 -2.13 -4.21 9.85
N TYR A 166 -2.72 -3.83 10.98
CA TYR A 166 -2.98 -2.41 11.22
C TYR A 166 -1.70 -1.64 11.49
N TYR A 167 -0.71 -2.27 12.15
CA TYR A 167 0.64 -1.68 12.19
C TYR A 167 1.18 -1.44 10.79
N THR A 168 1.08 -2.45 9.90
CA THR A 168 1.71 -2.34 8.60
C THR A 168 1.02 -1.27 7.74
N VAL A 169 -0.30 -1.17 7.85
CA VAL A 169 -1.03 -0.17 7.09
C VAL A 169 -0.70 1.23 7.58
N GLY A 170 -0.67 1.41 8.90
CA GLY A 170 -0.37 2.73 9.45
C GLY A 170 1.04 3.18 9.15
N ALA A 171 2.00 2.25 9.25
CA ALA A 171 3.36 2.56 8.87
C ALA A 171 3.45 2.90 7.40
N ALA A 172 2.77 2.14 6.54
CA ALA A 172 2.83 2.43 5.10
C ALA A 172 2.21 3.79 4.81
N LEU A 173 1.05 4.06 5.38
CA LEU A 173 0.41 5.35 5.15
C LEU A 173 1.37 6.47 5.54
N SER A 174 1.93 6.37 6.75
CA SER A 174 2.74 7.47 7.26
C SER A 174 4.01 7.64 6.45
N GLU A 175 4.70 6.53 6.18
CA GLU A 175 5.96 6.60 5.46
C GLU A 175 5.76 6.99 4.01
N ALA A 176 4.65 6.54 3.38
CA ALA A 176 4.41 6.97 1.99
C ALA A 176 4.13 8.47 1.93
N SER A 177 3.37 8.98 2.89
CA SER A 177 3.08 10.42 2.95
C SER A 177 4.37 11.20 3.14
N TRP A 178 5.21 10.74 4.08
CA TRP A 178 6.51 11.37 4.31
C TRP A 178 7.34 11.36 3.04
N GLN A 179 7.48 10.19 2.42
CA GLN A 179 8.31 10.10 1.22
C GLN A 179 7.78 11.00 0.11
N ALA A 180 6.47 11.10 -0.03
CA ALA A 180 5.96 11.97 -1.09
C ALA A 180 6.30 13.43 -0.79
N MET A 181 6.15 13.85 0.47
N MET A 181 6.13 13.85 0.46
CA MET A 181 6.53 15.22 0.82
CA MET A 181 6.54 15.20 0.86
C MET A 181 8.03 15.42 0.71
C MET A 181 8.03 15.39 0.66
N ALA A 182 8.82 14.42 1.14
CA ALA A 182 10.27 14.53 1.06
C ALA A 182 10.76 14.68 -0.38
N ARG A 183 10.18 13.91 -1.30
CA ARG A 183 10.51 14.05 -2.71
C ARG A 183 10.31 15.49 -3.18
N GLN A 184 9.09 15.99 -3.02
CA GLN A 184 8.75 17.37 -3.37
C GLN A 184 9.76 18.34 -2.77
N SER A 185 9.77 18.48 -1.43
CA SER A 185 10.59 19.48 -0.77
C SER A 185 12.07 19.12 -0.77
N ALA A 186 12.42 17.87 -1.04
CA ALA A 186 13.82 17.41 -1.04
C ALA A 186 14.48 17.63 0.31
N GLU A 187 13.93 16.97 1.34
CA GLU A 187 14.37 17.18 2.71
C GLU A 187 14.41 15.86 3.47
N SER A 188 15.56 15.57 4.06
CA SER A 188 15.75 14.39 4.91
C SER A 188 15.25 14.64 6.33
N GLU A 189 15.24 13.56 7.11
CA GLU A 189 14.83 13.64 8.52
C GLU A 189 15.76 14.57 9.28
N GLU A 190 17.08 14.38 9.10
CA GLU A 190 18.05 15.26 9.74
C GLU A 190 17.84 16.72 9.34
N GLU A 191 17.60 16.97 8.05
CA GLU A 191 17.38 18.35 7.63
C GLU A 191 16.09 18.92 8.18
N TRP A 192 15.07 18.09 8.33
CA TRP A 192 13.80 18.62 8.84
C TRP A 192 13.96 19.00 10.31
N VAL A 193 14.58 18.14 11.11
CA VAL A 193 14.81 18.47 12.51
C VAL A 193 15.64 19.75 12.62
N SER A 194 16.59 19.94 11.70
CA SER A 194 17.39 21.15 11.74
C SER A 194 16.55 22.37 11.37
N ARG A 195 15.72 22.28 10.32
CA ARG A 195 14.91 23.43 9.93
C ARG A 195 13.92 23.82 11.04
N LEU A 196 13.34 22.83 11.72
CA LEU A 196 12.37 23.11 12.77
C LEU A 196 13.01 23.38 14.13
N GLY A 197 14.33 23.18 14.26
CA GLY A 197 15.00 23.36 15.54
C GLY A 197 14.66 24.63 16.29
N PRO A 198 14.60 25.78 15.63
CA PRO A 198 14.26 27.01 16.36
C PRO A 198 12.92 26.93 17.09
N TYR A 199 11.89 26.40 16.42
CA TYR A 199 10.63 26.15 17.10
C TYR A 199 10.77 25.05 18.13
N LEU A 200 11.35 23.90 17.73
CA LEU A 200 11.33 22.74 18.60
C LEU A 200 12.12 22.98 19.88
N GLY A 201 13.23 23.72 19.79
CA GLY A 201 13.99 24.02 20.98
C GLY A 201 13.14 24.78 22.00
N MET A 202 12.35 25.74 21.54
CA MET A 202 11.46 26.49 22.41
C MET A 202 10.32 25.62 22.92
N ALA A 203 9.67 24.87 22.02
CA ALA A 203 8.43 24.19 22.39
C ALA A 203 8.68 23.00 23.31
N THR A 204 9.81 22.30 23.15
CA THR A 204 10.07 21.14 24.00
C THR A 204 10.54 21.53 25.39
N GLN A 205 10.84 22.82 25.62
CA GLN A 205 11.25 23.25 26.96
C GLN A 205 10.09 23.27 27.93
N SER A 206 8.86 23.14 27.46
CA SER A 206 7.71 23.01 28.35
C SER A 206 7.51 21.59 28.84
N HIS A 207 8.41 20.65 28.54
CA HIS A 207 8.21 19.27 28.93
C HIS A 207 9.51 18.63 29.40
N PRO A 208 9.42 17.53 30.08
CA PRO A 208 10.61 16.82 30.56
C PRO A 208 11.60 16.48 29.46
N ALA A 209 12.84 16.25 29.91
CA ALA A 209 13.95 16.00 29.01
C ALA A 209 13.68 14.90 27.98
N SER A 210 12.91 13.88 28.35
CA SER A 210 12.69 12.73 27.49
C SER A 210 12.09 13.11 26.14
N LEU A 211 11.32 14.21 26.07
CA LEU A 211 10.70 14.64 24.84
C LEU A 211 11.73 15.17 23.84
N ALA A 212 12.53 16.16 24.26
CA ALA A 212 13.60 16.64 23.40
C ALA A 212 14.55 15.51 22.99
N ASP A 213 14.80 14.56 23.88
CA ASP A 213 15.71 13.47 23.58
C ASP A 213 15.14 12.60 22.46
N TYR A 214 13.83 12.31 22.54
CA TYR A 214 13.16 11.57 21.47
C TYR A 214 13.30 12.31 20.15
N VAL A 215 13.07 13.61 20.15
CA VAL A 215 13.16 14.37 18.90
C VAL A 215 14.57 14.33 18.34
N LYS A 216 15.59 14.40 19.20
CA LYS A 216 16.97 14.33 18.73
C LYS A 216 17.26 12.99 18.08
N ARG A 217 16.85 11.91 18.73
CA ARG A 217 17.07 10.59 18.15
C ARG A 217 16.35 10.46 16.81
N SER A 218 15.22 11.16 16.63
CA SER A 218 14.43 10.97 15.42
C SER A 218 15.19 11.45 14.19
N ALA A 219 16.13 12.38 14.37
CA ALA A 219 16.88 12.92 13.24
C ALA A 219 17.70 11.84 12.55
N SER A 220 18.03 10.75 13.24
CA SER A 220 18.88 9.72 12.65
C SER A 220 18.07 8.50 12.21
N SER A 221 16.74 8.57 12.21
CA SER A 221 15.93 7.44 11.82
C SER A 221 15.74 7.42 10.31
N SER A 222 15.29 6.29 9.81
CA SER A 222 15.00 6.13 8.39
C SER A 222 13.80 5.18 8.24
N THR A 223 13.13 5.29 7.08
CA THR A 223 11.92 4.51 6.81
C THR A 223 12.09 3.03 7.14
N GLY A 224 13.11 2.39 6.55
CA GLY A 224 13.23 0.96 6.73
C GLY A 224 13.48 0.58 8.17
N GLN A 225 14.35 1.32 8.84
CA GLN A 225 14.62 1.04 10.25
C GLN A 225 13.39 1.33 11.12
N ARG A 226 12.69 2.44 10.89
CA ARG A 226 11.48 2.69 11.68
C ARG A 226 10.52 1.55 11.57
N PHE A 227 10.25 1.09 10.34
CA PHE A 227 9.29 0.02 10.15
C PHE A 227 9.76 -1.25 10.82
N HIS A 228 11.01 -1.65 10.54
CA HIS A 228 11.53 -2.91 11.08
C HIS A 228 11.54 -2.90 12.60
N ASP A 229 12.05 -1.83 13.23
CA ASP A 229 12.14 -1.81 14.69
C ASP A 229 10.76 -1.88 15.33
N GLY A 230 9.78 -1.14 14.80
CA GLY A 230 8.44 -1.25 15.34
C GLY A 230 7.87 -2.65 15.15
N LEU A 231 8.13 -3.26 14.01
CA LEU A 231 7.60 -4.59 13.77
C LEU A 231 8.26 -5.59 14.73
N GLU A 232 9.58 -5.51 14.85
CA GLU A 232 10.31 -6.40 15.75
C GLU A 232 9.76 -6.31 17.17
N MET A 234 6.94 -5.28 18.20
CA MET A 234 5.56 -5.73 18.31
C MET A 234 5.45 -7.25 18.37
N VAL A 235 6.24 -7.89 17.52
CA VAL A 235 6.17 -9.35 17.40
C VAL A 235 6.96 -10.04 18.53
N SER A 236 8.03 -9.39 19.03
CA SER A 236 8.85 -9.94 20.11
C SER A 236 8.02 -10.56 21.23
N GLY A 237 7.03 -9.84 21.71
CA GLY A 237 6.27 -10.21 22.89
C GLY A 237 5.05 -11.06 22.68
N MET A 238 4.70 -11.38 21.43
CA MET A 238 3.49 -12.17 21.19
C MET A 238 3.74 -13.62 21.60
N GLY A 239 2.76 -14.20 22.29
CA GLY A 239 2.89 -15.57 22.82
C GLY A 239 3.01 -15.61 24.34
#